data_6T2Q
#
_entry.id   6T2Q
#
_cell.length_a   82.918
_cell.length_b   82.918
_cell.length_c   121.310
_cell.angle_alpha   90.000
_cell.angle_beta   90.000
_cell.angle_gamma   90.000
#
_symmetry.space_group_name_H-M   'P 41'
#
loop_
_entity.id
_entity.type
_entity.pdbx_description
1 polymer 'Glycosyl hydrolase family 16'
2 branched beta-D-galactopyranose-(1-4)-2-acetamido-2-deoxy-beta-D-glucopyranose-(1-3)-beta-D-galactopyranose
3 non-polymer 1,2-ETHANEDIOL
4 non-polymer 'CALCIUM ION'
5 non-polymer 'SODIUM ION'
6 water water
#
_entity_poly.entity_id   1
_entity_poly.type   'polypeptide(L)'
_entity_poly.pdbx_seq_one_letter_code
;MGSSHHHHHHSSGLVPRGSHMASEEKEQIGSDTLENILFVDDFDAKCIVPDTAIWKLCTYANNAWSQYFRGVDGYENVKV
EEGYLKLRACKDNGTYKNGGVFSKIGFPCGTRLEVKARLTKLVRGGFPAIWQMPIGAPEWPRGGQIDLMEWVQGSPKQIF
QTVHTFYINGENGSAGVTNKEADKNFDVTKDHVYAVQRTEKELIFYVDGKETWKYENQHLDKEKLQYPFCEYPFNIILNF
SLGGELNGMMTWPGEIHDEDLPGEMWVDWVRVVLLDNNKINE
;
_entity_poly.pdbx_strand_id   AAA,BBB
#
# COMPACT_ATOMS: atom_id res chain seq x y z
N GLU A 35 -11.22 20.16 -10.05
CA GLU A 35 -9.88 19.46 -9.89
C GLU A 35 -10.06 18.11 -9.16
N ASN A 36 -9.36 17.09 -9.65
CA ASN A 36 -9.63 15.66 -9.36
C ASN A 36 -8.84 15.19 -8.11
N ILE A 37 -9.52 14.96 -6.98
CA ILE A 37 -8.88 14.60 -5.69
C ILE A 37 -8.71 13.08 -5.60
N LEU A 38 -7.48 12.58 -5.66
CA LEU A 38 -7.18 11.13 -5.52
C LEU A 38 -7.13 10.75 -4.05
N PHE A 39 -6.67 11.67 -3.19
CA PHE A 39 -6.66 11.49 -1.72
C PHE A 39 -6.63 12.85 -1.03
N VAL A 40 -7.32 13.01 0.09
CA VAL A 40 -7.16 14.21 0.95
C VAL A 40 -7.26 13.80 2.42
N ASP A 41 -6.44 14.37 3.30
CA ASP A 41 -6.67 14.32 4.76
C ASP A 41 -6.55 15.73 5.32
N ASP A 42 -7.64 16.26 5.88
CA ASP A 42 -7.67 17.56 6.58
C ASP A 42 -7.36 17.38 8.07
N PHE A 43 -7.12 16.15 8.56
CA PHE A 43 -6.83 15.82 9.98
C PHE A 43 -7.88 16.40 10.91
N ASP A 44 -9.16 16.34 10.52
CA ASP A 44 -10.30 16.93 11.28
C ASP A 44 -11.34 15.85 11.60
N ALA A 45 -10.97 14.59 11.55
CA ALA A 45 -11.77 13.44 12.04
C ALA A 45 -11.87 13.56 13.57
N LYS A 46 -12.92 12.99 14.11
CA LYS A 46 -13.25 12.95 15.55
C LYS A 46 -12.42 11.82 16.17
N CYS A 47 -11.11 12.00 16.21
CA CYS A 47 -10.14 10.99 16.67
C CYS A 47 -8.90 11.72 17.21
N ILE A 48 -8.15 11.13 18.12
CA ILE A 48 -6.93 11.79 18.68
C ILE A 48 -5.68 11.31 17.94
N VAL A 49 -5.82 10.31 17.07
CA VAL A 49 -4.65 9.82 16.27
C VAL A 49 -5.05 9.93 14.81
N PRO A 50 -4.06 10.03 13.89
CA PRO A 50 -4.34 10.02 12.47
C PRO A 50 -4.99 8.69 12.08
N ASP A 51 -5.76 8.75 11.00
CA ASP A 51 -6.52 7.62 10.43
C ASP A 51 -5.64 6.37 10.44
N THR A 52 -6.08 5.33 11.15
CA THR A 52 -5.29 4.07 11.37
C THR A 52 -5.26 3.17 10.13
N ALA A 53 -6.12 3.37 9.13
CA ALA A 53 -6.05 2.60 7.85
C ALA A 53 -5.01 3.25 6.93
N ILE A 54 -4.83 4.58 6.99
CA ILE A 54 -3.98 5.34 6.06
C ILE A 54 -2.55 5.52 6.64
N TRP A 55 -2.43 5.90 7.91
CA TRP A 55 -1.20 6.42 8.53
C TRP A 55 -0.64 5.38 9.51
N LYS A 56 0.60 4.97 9.30
CA LYS A 56 1.28 4.00 10.19
C LYS A 56 2.39 4.73 10.94
N LEU A 57 2.68 4.35 12.19
CA LEU A 57 3.78 4.96 12.98
C LEU A 57 5.14 4.57 12.38
N CYS A 58 6.05 5.54 12.26
CA CYS A 58 7.44 5.27 11.80
C CYS A 58 8.14 4.37 12.81
N THR A 59 9.06 3.54 12.32
CA THR A 59 9.79 2.49 13.08
C THR A 59 11.31 2.74 12.99
N TYR A 60 12.04 2.11 13.90
CA TYR A 60 13.49 2.30 14.10
C TYR A 60 14.21 1.79 12.84
N ALA A 61 15.27 2.45 12.43
CA ALA A 61 16.21 1.94 11.40
C ALA A 61 17.53 2.66 11.62
N ASN A 62 18.64 2.04 11.19
CA ASN A 62 20.02 2.51 11.49
C ASN A 62 20.39 3.60 10.48
N ASN A 63 19.73 4.76 10.56
CA ASN A 63 19.94 5.95 9.68
C ASN A 63 19.53 7.19 10.46
N ALA A 64 19.82 8.36 9.92
CA ALA A 64 19.72 9.64 10.65
C ALA A 64 18.25 9.91 10.99
N TRP A 65 17.34 9.74 10.04
CA TRP A 65 15.92 10.15 10.26
C TRP A 65 15.22 9.13 11.15
N SER A 66 15.68 7.88 11.20
CA SER A 66 14.92 6.74 11.84
C SER A 66 15.51 6.34 13.20
N GLN A 67 16.74 6.74 13.54
CA GLN A 67 17.43 6.14 14.71
C GLN A 67 16.63 6.42 16.00
N TYR A 68 15.93 7.54 16.13
CA TYR A 68 15.19 7.85 17.39
C TYR A 68 13.67 7.57 17.28
N PHE A 69 13.28 6.60 16.45
CA PHE A 69 11.97 5.90 16.58
C PHE A 69 12.14 4.68 17.49
N ARG A 70 13.37 4.31 17.83
CA ARG A 70 13.61 3.19 18.78
C ARG A 70 12.88 3.53 20.09
N GLY A 71 12.05 2.62 20.59
CA GLY A 71 11.37 2.78 21.90
C GLY A 71 10.45 4.00 21.95
N VAL A 72 9.96 4.51 20.81
CA VAL A 72 8.79 5.41 20.81
C VAL A 72 7.55 4.53 21.05
N ASP A 73 6.87 4.76 22.16
CA ASP A 73 5.71 3.96 22.61
C ASP A 73 4.46 4.44 21.87
N GLY A 74 3.98 3.66 20.90
CA GLY A 74 2.75 3.94 20.15
C GLY A 74 2.72 5.39 19.70
N TYR A 75 1.65 6.11 20.05
CA TYR A 75 1.32 7.45 19.52
C TYR A 75 1.83 8.56 20.45
N GLU A 76 2.78 8.29 21.33
CA GLU A 76 3.21 9.31 22.33
C GLU A 76 3.74 10.60 21.64
N ASN A 77 4.30 10.55 20.43
CA ASN A 77 4.82 11.78 19.75
C ASN A 77 3.92 12.18 18.56
N VAL A 78 2.73 11.59 18.44
CA VAL A 78 1.84 11.77 17.25
C VAL A 78 0.40 11.91 17.73
N LYS A 79 -0.26 13.02 17.42
CA LYS A 79 -1.70 13.20 17.71
C LYS A 79 -2.38 14.00 16.58
N VAL A 80 -3.70 13.92 16.53
CA VAL A 80 -4.54 14.83 15.72
C VAL A 80 -5.30 15.73 16.70
N GLU A 81 -5.26 17.05 16.51
CA GLU A 81 -5.85 18.04 17.42
C GLU A 81 -6.05 19.37 16.69
N GLU A 82 -7.26 19.91 16.78
CA GLU A 82 -7.68 21.27 16.32
C GLU A 82 -7.37 21.42 14.84
N GLY A 83 -7.58 20.36 14.07
CA GLY A 83 -7.42 20.37 12.61
C GLY A 83 -5.98 20.13 12.17
N TYR A 84 -5.05 19.77 13.06
CA TYR A 84 -3.63 19.50 12.70
C TYR A 84 -3.20 18.08 13.08
N LEU A 85 -2.43 17.43 12.21
CA LEU A 85 -1.48 16.38 12.62
C LEU A 85 -0.29 17.05 13.32
N LYS A 86 -0.02 16.67 14.57
CA LYS A 86 1.02 17.26 15.46
C LYS A 86 2.07 16.19 15.73
N LEU A 87 3.28 16.39 15.20
CA LEU A 87 4.42 15.46 15.26
C LEU A 87 5.46 16.07 16.18
N ARG A 88 5.82 15.38 17.26
CA ARG A 88 6.66 15.94 18.33
C ARG A 88 8.01 15.23 18.31
N ALA A 89 9.09 15.98 18.48
CA ALA A 89 10.42 15.44 18.80
C ALA A 89 10.83 15.96 20.19
N CYS A 90 11.34 15.10 21.04
CA CYS A 90 11.65 15.46 22.46
C CYS A 90 12.69 14.49 23.01
N LYS A 91 13.16 14.75 24.23
CA LYS A 91 14.05 13.82 24.97
C LYS A 91 13.29 13.37 26.21
N ASP A 92 13.24 12.07 26.45
CA ASP A 92 12.50 11.44 27.57
C ASP A 92 13.50 10.65 28.41
N ASN A 93 13.78 11.16 29.61
CA ASN A 93 14.79 10.64 30.57
C ASN A 93 15.97 10.05 29.80
N GLY A 94 16.78 10.89 29.14
CA GLY A 94 18.00 10.46 28.43
C GLY A 94 17.76 9.99 27.00
N THR A 95 16.54 9.64 26.58
CA THR A 95 16.29 9.01 25.25
C THR A 95 15.63 9.99 24.27
N TYR A 96 16.30 10.28 23.15
CA TYR A 96 15.72 11.08 22.05
C TYR A 96 14.57 10.27 21.40
N LYS A 97 13.46 10.96 21.14
CA LYS A 97 12.25 10.37 20.51
C LYS A 97 11.75 11.26 19.37
N ASN A 98 11.63 10.67 18.19
CA ASN A 98 11.06 11.27 16.98
C ASN A 98 9.53 11.13 16.96
N GLY A 99 8.88 11.90 16.10
CA GLY A 99 7.44 11.79 15.84
C GLY A 99 7.18 11.70 14.36
N GLY A 100 6.51 10.65 13.90
CA GLY A 100 6.27 10.54 12.46
C GLY A 100 5.33 9.42 12.09
N VAL A 101 4.71 9.58 10.93
CA VAL A 101 3.88 8.53 10.30
C VAL A 101 4.20 8.47 8.81
N PHE A 102 3.84 7.36 8.19
CA PHE A 102 3.92 7.16 6.73
C PHE A 102 2.60 6.57 6.24
N SER A 103 2.22 6.94 5.00
CA SER A 103 0.97 6.43 4.39
C SER A 103 1.19 4.98 4.00
N LYS A 104 0.19 4.13 4.23
CA LYS A 104 0.15 2.74 3.73
C LYS A 104 -0.35 2.79 2.29
N ILE A 105 -1.05 3.86 1.92
CA ILE A 105 -1.49 4.08 0.52
C ILE A 105 -0.35 4.76 -0.23
N GLY A 106 -0.35 4.60 -1.54
CA GLY A 106 0.58 5.31 -2.41
C GLY A 106 -0.08 5.68 -3.72
N PHE A 107 0.69 6.37 -4.56
CA PHE A 107 0.14 7.17 -5.69
C PHE A 107 0.93 6.88 -6.95
N PRO A 108 0.23 6.82 -8.11
CA PRO A 108 0.89 6.65 -9.39
C PRO A 108 1.45 8.00 -9.88
N CYS A 109 2.05 7.97 -11.06
CA CYS A 109 2.45 9.16 -11.85
C CYS A 109 1.19 9.83 -12.38
N GLY A 110 1.32 11.08 -12.83
CA GLY A 110 0.19 11.91 -13.28
C GLY A 110 -0.53 12.50 -12.09
N THR A 111 0.21 12.80 -11.02
CA THR A 111 -0.33 13.29 -9.72
C THR A 111 0.52 14.44 -9.15
N ARG A 112 -0.11 15.25 -8.31
CA ARG A 112 0.57 16.30 -7.52
C ARG A 112 0.18 16.16 -6.06
N LEU A 113 1.19 16.12 -5.21
CA LEU A 113 1.08 16.09 -3.73
C LEU A 113 1.33 17.50 -3.21
N GLU A 114 0.41 17.94 -2.36
CA GLU A 114 0.40 19.25 -1.68
C GLU A 114 0.23 18.99 -0.20
N VAL A 115 1.12 19.59 0.58
CA VAL A 115 1.13 19.47 2.06
C VAL A 115 1.27 20.84 2.67
N LYS A 116 0.31 21.23 3.49
CA LYS A 116 0.40 22.46 4.28
C LYS A 116 0.94 22.11 5.67
N ALA A 117 1.99 22.80 6.09
CA ALA A 117 2.68 22.53 7.36
C ALA A 117 3.45 23.77 7.81
N ARG A 118 3.67 23.83 9.12
CA ARG A 118 4.62 24.74 9.78
C ARG A 118 5.37 24.00 10.88
N LEU A 119 6.54 24.52 11.25
CA LEU A 119 7.23 24.13 12.50
C LEU A 119 6.70 25.04 13.60
N THR A 120 6.63 24.57 14.83
CA THR A 120 6.27 25.43 15.98
C THR A 120 7.47 26.30 16.31
N LYS A 121 8.68 25.82 16.06
CA LYS A 121 9.90 26.61 16.37
C LYS A 121 11.11 26.00 15.66
N LEU A 122 12.22 26.71 15.70
CA LEU A 122 13.53 26.18 15.26
C LEU A 122 14.11 25.35 16.41
N VAL A 123 14.49 24.09 16.17
CA VAL A 123 15.24 23.22 17.13
C VAL A 123 16.62 22.87 16.55
N ARG A 124 17.71 23.21 17.23
CA ARG A 124 19.08 22.85 16.76
C ARG A 124 19.23 21.33 16.91
N GLY A 125 19.42 20.65 15.78
CA GLY A 125 19.49 19.19 15.64
C GLY A 125 18.15 18.59 15.22
N GLY A 126 17.12 19.42 15.10
CA GLY A 126 15.82 18.97 14.61
C GLY A 126 15.94 18.74 13.13
N PHE A 127 15.17 17.77 12.62
CA PHE A 127 15.25 17.24 11.25
C PHE A 127 13.84 16.88 10.81
N PRO A 128 12.98 17.88 10.56
CA PRO A 128 11.62 17.63 10.09
C PRO A 128 11.65 17.48 8.58
N ALA A 129 10.75 16.65 8.07
CA ALA A 129 10.71 16.28 6.65
C ALA A 129 9.28 16.01 6.20
N ILE A 130 9.00 16.37 4.96
CA ILE A 130 7.78 15.96 4.24
C ILE A 130 8.30 15.32 2.96
N TRP A 131 8.07 14.03 2.74
CA TRP A 131 8.71 13.32 1.62
C TRP A 131 7.96 12.05 1.21
N GLN A 132 8.52 11.36 0.22
CA GLN A 132 7.90 10.18 -0.42
C GLN A 132 8.95 9.12 -0.68
N MET A 133 8.58 7.87 -0.42
CA MET A 133 9.36 6.67 -0.77
C MET A 133 8.55 5.85 -1.77
N PRO A 134 9.23 5.12 -2.69
CA PRO A 134 8.56 4.14 -3.53
C PRO A 134 8.15 2.97 -2.63
N ILE A 135 7.06 2.29 -3.01
CA ILE A 135 6.57 1.08 -2.28
C ILE A 135 6.93 -0.13 -3.12
N GLY A 136 7.66 -1.07 -2.52
CA GLY A 136 8.06 -2.35 -3.14
C GLY A 136 9.16 -2.21 -4.18
N ALA A 137 10.05 -1.22 -4.06
CA ALA A 137 11.14 -0.96 -5.03
C ALA A 137 12.44 -1.59 -4.55
N PRO A 138 13.48 -1.75 -5.41
CA PRO A 138 14.78 -2.27 -4.96
C PRO A 138 15.40 -1.33 -3.90
N GLU A 139 16.52 -1.74 -3.29
CA GLU A 139 17.01 -1.06 -2.05
C GLU A 139 17.42 0.39 -2.37
N TRP A 140 17.13 1.27 -1.42
CA TRP A 140 17.48 2.70 -1.48
C TRP A 140 18.92 2.79 -1.98
N PRO A 141 19.26 3.70 -2.92
CA PRO A 141 18.32 4.66 -3.51
C PRO A 141 17.73 4.30 -4.88
N ARG A 142 17.77 3.01 -5.24
CA ARG A 142 17.51 2.51 -6.62
C ARG A 142 16.09 2.85 -7.08
N GLY A 143 15.13 2.87 -6.15
CA GLY A 143 13.71 3.15 -6.46
C GLY A 143 13.40 4.64 -6.45
N GLY A 144 14.38 5.46 -6.06
CA GLY A 144 14.24 6.91 -5.95
C GLY A 144 13.69 7.33 -4.60
N GLN A 145 13.62 8.64 -4.38
CA GLN A 145 13.09 9.31 -3.18
C GLN A 145 12.88 10.78 -3.52
N ILE A 146 11.80 11.36 -3.01
CA ILE A 146 11.41 12.77 -3.25
C ILE A 146 11.21 13.46 -1.89
N ASP A 147 11.95 14.52 -1.66
CA ASP A 147 11.76 15.36 -0.46
C ASP A 147 11.15 16.70 -0.86
N LEU A 148 9.91 16.92 -0.43
CA LEU A 148 9.13 18.19 -0.63
C LEU A 148 9.65 19.25 0.34
N MET A 149 10.13 18.84 1.51
CA MET A 149 10.61 19.81 2.52
C MET A 149 11.54 19.07 3.48
N GLU A 150 12.74 19.60 3.68
CA GLU A 150 13.59 19.28 4.85
C GLU A 150 14.16 20.57 5.41
N TRP A 151 14.41 20.58 6.71
CA TRP A 151 15.05 21.71 7.43
C TRP A 151 16.18 21.16 8.31
N VAL A 152 17.27 21.92 8.36
CA VAL A 152 18.44 21.68 9.23
C VAL A 152 18.94 23.02 9.73
N GLN A 153 19.53 23.02 10.91
CA GLN A 153 20.01 24.23 11.62
C GLN A 153 21.08 24.93 10.78
N GLY A 154 21.79 24.22 9.89
CA GLY A 154 22.94 24.77 9.15
C GLY A 154 22.51 25.82 8.13
N SER A 155 21.24 25.83 7.75
CA SER A 155 20.61 26.86 6.87
C SER A 155 19.23 27.16 7.43
N PRO A 156 19.14 27.87 8.59
CA PRO A 156 17.89 27.89 9.35
C PRO A 156 16.74 28.69 8.71
N LYS A 157 17.01 29.58 7.75
CA LYS A 157 16.00 30.48 7.13
C LYS A 157 15.68 29.97 5.72
N GLN A 158 15.80 28.65 5.52
CA GLN A 158 15.45 28.01 4.23
CA GLN A 158 15.59 27.96 4.20
C GLN A 158 14.98 26.58 4.47
N ILE A 159 14.31 26.03 3.48
CA ILE A 159 14.08 24.57 3.40
C ILE A 159 14.71 24.06 2.11
N PHE A 160 14.90 22.76 2.07
CA PHE A 160 15.50 21.99 0.96
C PHE A 160 14.39 21.20 0.26
N GLN A 161 14.46 21.16 -1.07
CA GLN A 161 13.63 20.24 -1.89
C GLN A 161 14.61 19.42 -2.73
N THR A 162 14.53 18.09 -2.61
CA THR A 162 15.63 17.19 -3.00
C THR A 162 15.10 15.96 -3.72
N VAL A 163 15.87 15.48 -4.68
CA VAL A 163 15.64 14.26 -5.49
C VAL A 163 16.79 13.28 -5.24
N HIS A 164 16.48 12.04 -4.95
CA HIS A 164 17.46 10.93 -4.85
C HIS A 164 17.17 9.83 -5.89
N THR A 165 18.23 9.31 -6.48
CA THR A 165 18.22 8.12 -7.37
C THR A 165 19.57 7.44 -7.24
N PHE A 166 19.70 6.20 -7.73
CA PHE A 166 21.03 5.54 -7.79
C PHE A 166 21.90 6.28 -8.81
N TYR A 167 21.33 6.83 -9.88
CA TYR A 167 22.08 7.61 -10.90
C TYR A 167 22.76 8.78 -10.20
N ILE A 168 22.03 9.52 -9.35
CA ILE A 168 22.63 10.67 -8.62
C ILE A 168 23.59 10.16 -7.54
N ASN A 169 23.13 9.27 -6.66
CA ASN A 169 23.80 8.97 -5.35
C ASN A 169 24.83 7.86 -5.51
N GLY A 170 24.62 6.91 -6.41
CA GLY A 170 25.44 5.68 -6.48
C GLY A 170 25.45 4.97 -5.12
N GLU A 171 26.46 4.15 -4.86
CA GLU A 171 26.54 3.36 -3.61
C GLU A 171 26.94 4.25 -2.43
N ASN A 172 27.65 5.35 -2.68
CA ASN A 172 28.39 6.13 -1.64
C ASN A 172 27.74 7.48 -1.37
N GLY A 173 26.78 7.95 -2.18
CA GLY A 173 26.20 9.30 -2.06
C GLY A 173 24.90 9.32 -1.26
N SER A 174 24.67 10.37 -0.48
CA SER A 174 23.42 10.54 0.33
C SER A 174 22.80 11.92 0.12
N ALA A 175 23.43 12.85 -0.60
CA ALA A 175 22.96 14.26 -0.67
C ALA A 175 21.81 14.43 -1.67
N GLY A 176 21.75 13.59 -2.71
CA GLY A 176 20.84 13.76 -3.86
C GLY A 176 21.10 15.02 -4.66
N VAL A 177 20.13 15.45 -5.46
CA VAL A 177 20.21 16.77 -6.17
C VAL A 177 19.17 17.67 -5.49
N THR A 178 19.59 18.83 -4.99
CA THR A 178 18.75 19.70 -4.12
C THR A 178 18.57 21.05 -4.81
N ASN A 179 17.55 21.84 -4.44
CA ASN A 179 17.30 23.14 -5.11
C ASN A 179 18.15 24.22 -4.45
N LYS A 180 19.11 24.71 -5.25
CA LYS A 180 20.21 25.66 -4.93
C LYS A 180 19.69 27.11 -4.88
N GLU A 181 18.76 27.50 -5.79
CA GLU A 181 18.00 28.80 -5.78
C GLU A 181 16.76 28.71 -4.88
N ALA A 182 16.83 27.97 -3.76
CA ALA A 182 15.79 27.89 -2.71
C ALA A 182 15.64 29.29 -2.12
N ASP A 183 14.42 29.78 -1.88
CA ASP A 183 14.26 31.10 -1.22
C ASP A 183 15.23 31.07 -0.03
N LYS A 184 16.01 32.15 0.12
CA LYS A 184 17.00 32.32 1.21
C LYS A 184 16.36 33.10 2.37
N ASN A 185 15.20 33.73 2.14
CA ASN A 185 14.51 34.66 3.07
C ASN A 185 13.11 34.14 3.40
N PHE A 186 13.01 33.13 4.27
CA PHE A 186 11.79 32.28 4.36
C PHE A 186 11.58 31.81 5.80
N ASP A 187 10.34 31.95 6.30
CA ASP A 187 9.98 31.63 7.70
C ASP A 187 9.27 30.27 7.77
N VAL A 188 9.98 29.22 8.20
CA VAL A 188 9.47 27.83 8.22
C VAL A 188 8.41 27.68 9.33
N THR A 189 8.41 28.61 10.32
CA THR A 189 7.47 28.56 11.48
C THR A 189 6.11 29.18 11.13
N LYS A 190 5.92 29.67 9.91
CA LYS A 190 4.58 30.01 9.35
C LYS A 190 4.16 28.87 8.44
N ASP A 191 2.85 28.78 8.18
CA ASP A 191 2.24 27.83 7.24
C ASP A 191 2.86 28.07 5.86
N HIS A 192 3.24 27.00 5.18
CA HIS A 192 3.54 26.96 3.74
C HIS A 192 2.93 25.71 3.13
N VAL A 193 2.67 25.74 1.83
CA VAL A 193 2.26 24.55 1.04
C VAL A 193 3.44 24.11 0.19
N TYR A 194 3.93 22.91 0.47
CA TYR A 194 5.03 22.21 -0.24
C TYR A 194 4.34 21.26 -1.21
N ALA A 195 4.85 21.20 -2.44
CA ALA A 195 4.22 20.38 -3.49
C ALA A 195 5.28 19.78 -4.42
N VAL A 196 4.98 18.61 -4.95
CA VAL A 196 5.72 18.04 -6.11
C VAL A 196 4.67 17.44 -7.04
N GLN A 197 4.79 17.82 -8.31
CA GLN A 197 4.03 17.19 -9.41
C GLN A 197 4.94 16.14 -10.05
N ARG A 198 4.46 14.90 -10.18
CA ARG A 198 5.26 13.78 -10.76
C ARG A 198 4.57 13.25 -12.01
N THR A 199 5.28 13.28 -13.14
CA THR A 199 4.87 12.70 -14.45
C THR A 199 6.05 11.89 -15.01
N GLU A 200 5.83 11.13 -16.07
CA GLU A 200 6.89 10.36 -16.77
C GLU A 200 7.98 11.32 -17.25
N LYS A 201 7.60 12.58 -17.51
CA LYS A 201 8.45 13.65 -18.10
C LYS A 201 9.38 14.19 -17.01
N GLU A 202 8.81 14.58 -15.86
CA GLU A 202 9.59 15.34 -14.86
C GLU A 202 8.87 15.38 -13.51
N LEU A 203 9.65 15.74 -12.50
CA LEU A 203 9.21 16.24 -11.17
C LEU A 203 9.26 17.78 -11.21
N ILE A 204 8.20 18.42 -10.74
CA ILE A 204 8.14 19.90 -10.55
C ILE A 204 7.85 20.16 -9.07
N PHE A 205 8.73 20.88 -8.40
CA PHE A 205 8.54 21.32 -7.00
C PHE A 205 7.93 22.71 -6.97
N TYR A 206 7.19 22.95 -5.90
CA TYR A 206 6.52 24.23 -5.58
C TYR A 206 6.65 24.51 -4.09
N VAL A 207 6.66 25.81 -3.76
CA VAL A 207 6.40 26.32 -2.39
C VAL A 207 5.39 27.45 -2.58
N ASP A 208 4.28 27.38 -1.85
CA ASP A 208 3.16 28.36 -1.83
C ASP A 208 2.67 28.58 -3.26
N GLY A 209 2.58 27.50 -4.03
CA GLY A 209 1.98 27.51 -5.38
C GLY A 209 2.91 28.10 -6.43
N LYS A 210 4.12 28.55 -6.05
CA LYS A 210 5.15 29.05 -7.00
C LYS A 210 6.13 27.92 -7.31
N GLU A 211 6.32 27.59 -8.59
CA GLU A 211 7.33 26.61 -9.08
C GLU A 211 8.72 27.00 -8.56
N THR A 212 9.48 26.07 -7.98
CA THR A 212 10.85 26.34 -7.45
C THR A 212 11.90 25.73 -8.37
N TRP A 213 11.74 24.47 -8.78
CA TRP A 213 12.69 23.84 -9.74
C TRP A 213 12.06 22.56 -10.28
N LYS A 214 12.73 21.99 -11.27
CA LYS A 214 12.28 20.73 -11.91
C LYS A 214 13.46 19.79 -12.09
N TYR A 215 13.18 18.50 -11.99
CA TYR A 215 14.12 17.40 -12.24
C TYR A 215 13.54 16.56 -13.37
N GLU A 216 14.21 16.58 -14.52
CA GLU A 216 13.71 16.04 -15.80
C GLU A 216 14.11 14.57 -15.95
N ASN A 217 13.21 13.79 -16.58
CA ASN A 217 13.51 12.46 -17.17
C ASN A 217 14.43 12.71 -18.35
N GLN A 218 15.62 12.09 -18.36
CA GLN A 218 16.65 12.25 -19.42
C GLN A 218 16.53 11.13 -20.45
N HIS A 219 15.55 10.22 -20.30
CA HIS A 219 15.23 9.11 -21.23
C HIS A 219 16.53 8.37 -21.59
N LEU A 220 17.35 8.06 -20.58
CA LEU A 220 18.61 7.28 -20.69
C LEU A 220 18.31 5.77 -20.65
N ASP A 221 19.31 4.94 -20.92
CA ASP A 221 19.26 3.46 -20.73
C ASP A 221 18.66 3.18 -19.34
N LYS A 222 17.60 2.37 -19.31
CA LYS A 222 16.85 1.97 -18.10
C LYS A 222 17.81 1.49 -17.02
N GLU A 223 18.95 0.86 -17.40
CA GLU A 223 20.00 0.32 -16.47
C GLU A 223 20.64 1.41 -15.62
N LYS A 224 20.63 2.67 -16.10
CA LYS A 224 21.25 3.83 -15.41
C LYS A 224 20.38 4.26 -14.23
N LEU A 225 19.08 3.93 -14.22
CA LEU A 225 18.13 4.20 -13.10
C LEU A 225 18.04 5.70 -12.82
N GLN A 226 17.99 6.53 -13.86
CA GLN A 226 18.05 8.01 -13.78
C GLN A 226 16.67 8.54 -13.39
N TYR A 227 15.61 7.86 -13.83
CA TYR A 227 14.21 8.28 -13.58
C TYR A 227 13.32 7.09 -13.19
N PRO A 228 13.39 6.59 -11.94
CA PRO A 228 12.55 5.48 -11.50
C PRO A 228 11.16 5.88 -10.98
N PHE A 229 10.77 7.15 -11.11
CA PHE A 229 9.68 7.81 -10.36
C PHE A 229 8.28 7.39 -10.83
N CYS A 230 8.18 6.60 -11.91
CA CYS A 230 6.89 6.03 -12.39
C CYS A 230 6.90 4.49 -12.31
N GLU A 231 7.97 3.87 -11.82
CA GLU A 231 8.10 2.39 -11.83
C GLU A 231 7.39 1.79 -10.61
N TYR A 232 7.24 2.56 -9.54
CA TYR A 232 6.58 2.10 -8.30
C TYR A 232 5.72 3.23 -7.79
N PRO A 233 4.61 2.93 -7.09
CA PRO A 233 3.84 3.96 -6.41
C PRO A 233 4.66 4.56 -5.27
N PHE A 234 4.44 5.84 -5.00
CA PHE A 234 5.15 6.58 -3.93
C PHE A 234 4.18 6.90 -2.79
N ASN A 235 4.65 6.79 -1.55
CA ASN A 235 3.81 7.08 -0.36
C ASN A 235 4.05 8.52 0.07
N ILE A 236 3.57 8.84 1.27
CA ILE A 236 3.75 10.15 1.95
C ILE A 236 4.33 9.89 3.33
N ILE A 237 5.38 10.63 3.69
CA ILE A 237 6.05 10.50 5.02
C ILE A 237 6.13 11.89 5.64
N LEU A 238 5.72 11.97 6.91
CA LEU A 238 5.67 13.21 7.69
C LEU A 238 6.36 12.95 9.03
N ASN A 239 7.41 13.67 9.33
CA ASN A 239 8.17 13.35 10.56
C ASN A 239 8.93 14.57 11.07
N PHE A 240 9.11 14.62 12.38
CA PHE A 240 10.05 15.50 13.08
C PHE A 240 11.02 14.57 13.79
N SER A 241 12.22 14.44 13.21
CA SER A 241 13.31 13.57 13.71
C SER A 241 14.43 14.42 14.35
N LEU A 242 15.32 13.78 15.10
CA LEU A 242 16.47 14.44 15.74
C LEU A 242 17.76 13.86 15.16
N GLY A 243 18.76 14.72 14.96
CA GLY A 243 20.04 14.37 14.31
C GLY A 243 21.11 13.98 15.30
N GLY A 244 22.11 14.86 15.47
CA GLY A 244 23.33 14.57 16.26
C GLY A 244 24.08 13.45 15.59
N GLU A 245 24.88 12.69 16.34
CA GLU A 245 25.75 11.62 15.82
C GLU A 245 24.95 10.36 15.51
N LEU A 246 25.36 9.69 14.43
CA LEU A 246 24.94 8.34 14.00
C LEU A 246 26.20 7.49 13.90
N ASN A 247 26.37 6.55 14.82
CA ASN A 247 27.48 5.57 14.75
C ASN A 247 28.78 6.39 14.66
N GLY A 248 28.84 7.49 15.44
CA GLY A 248 30.03 8.33 15.61
C GLY A 248 30.26 9.34 14.48
N MET A 249 29.41 9.44 13.46
CA MET A 249 29.52 10.43 12.35
C MET A 249 28.43 11.49 12.50
N MET A 250 28.76 12.78 12.39
CA MET A 250 27.74 13.85 12.57
C MET A 250 26.76 13.79 11.40
N THR A 251 25.45 13.90 11.65
CA THR A 251 24.41 13.81 10.59
C THR A 251 24.20 15.20 9.98
N TRP A 252 23.55 15.27 8.81
CA TRP A 252 23.24 16.56 8.15
C TRP A 252 22.61 17.57 9.13
N PRO A 253 21.60 17.22 9.94
CA PRO A 253 21.00 18.20 10.85
C PRO A 253 21.90 18.61 12.03
N GLY A 254 23.07 18.02 12.20
CA GLY A 254 24.07 18.51 13.17
C GLY A 254 23.66 18.33 14.63
N GLU A 255 24.29 19.08 15.52
CA GLU A 255 24.33 18.86 16.98
C GLU A 255 22.96 19.13 17.56
N ILE A 256 22.50 18.25 18.45
CA ILE A 256 21.21 18.42 19.17
C ILE A 256 21.47 19.32 20.38
N HIS A 257 20.77 20.44 20.46
CA HIS A 257 20.74 21.32 21.66
C HIS A 257 19.47 21.00 22.47
N ASP A 258 19.62 20.19 23.52
CA ASP A 258 18.52 19.70 24.40
C ASP A 258 17.66 20.86 24.88
N GLU A 259 18.23 22.03 25.13
CA GLU A 259 17.51 23.19 25.72
C GLU A 259 16.44 23.70 24.72
N ASP A 260 16.56 23.39 23.42
CA ASP A 260 15.60 23.86 22.39
C ASP A 260 14.36 22.96 22.35
N LEU A 261 14.46 21.74 22.89
CA LEU A 261 13.38 20.70 22.82
C LEU A 261 12.29 21.03 23.82
N PRO A 262 11.01 20.66 23.57
CA PRO A 262 10.60 19.91 22.39
C PRO A 262 10.39 20.78 21.14
N GLY A 263 10.28 20.11 19.99
CA GLY A 263 9.85 20.72 18.72
C GLY A 263 8.67 19.97 18.14
N GLU A 264 7.81 20.66 17.39
CA GLU A 264 6.67 20.02 16.69
C GLU A 264 6.61 20.50 15.24
N MET A 265 6.16 19.63 14.36
CA MET A 265 5.64 20.04 13.05
C MET A 265 4.12 19.83 13.07
N TRP A 266 3.36 20.84 12.64
CA TRP A 266 1.88 20.80 12.53
C TRP A 266 1.53 20.75 11.04
N VAL A 267 0.94 19.66 10.60
CA VAL A 267 0.45 19.50 9.20
C VAL A 267 -1.05 19.75 9.21
N ASP A 268 -1.47 20.83 8.55
CA ASP A 268 -2.89 21.21 8.37
C ASP A 268 -3.55 20.19 7.43
N TRP A 269 -2.93 19.85 6.30
CA TRP A 269 -3.59 18.94 5.35
C TRP A 269 -2.59 18.38 4.36
N VAL A 270 -2.99 17.25 3.79
CA VAL A 270 -2.29 16.52 2.71
C VAL A 270 -3.32 16.30 1.61
N ARG A 271 -2.93 16.52 0.36
CA ARG A 271 -3.84 16.31 -0.79
C ARG A 271 -3.01 15.75 -1.95
N VAL A 272 -3.58 14.77 -2.65
CA VAL A 272 -2.99 14.27 -3.91
C VAL A 272 -4.01 14.51 -5.01
N VAL A 273 -3.64 15.25 -6.04
CA VAL A 273 -4.58 15.52 -7.16
C VAL A 273 -4.13 14.70 -8.36
N LEU A 274 -5.10 14.21 -9.10
CA LEU A 274 -4.94 13.63 -10.44
C LEU A 274 -4.82 14.82 -11.41
N LEU A 275 -3.83 14.80 -12.31
CA LEU A 275 -3.64 15.84 -13.36
C LEU A 275 -4.55 15.58 -14.57
N ASP A 276 -4.86 16.63 -15.33
CA ASP A 276 -5.07 16.61 -16.81
C ASP A 276 -3.95 15.79 -17.48
N ASN B 36 9.41 -20.07 -17.11
CA ASN B 36 10.10 -18.95 -16.40
C ASN B 36 9.28 -18.47 -15.18
N ILE B 37 9.65 -18.93 -13.98
CA ILE B 37 8.89 -18.86 -12.71
C ILE B 37 9.46 -17.74 -11.83
N LEU B 38 8.69 -16.70 -11.56
CA LEU B 38 9.06 -15.59 -10.65
C LEU B 38 8.81 -16.02 -9.21
N PHE B 39 7.74 -16.76 -8.96
CA PHE B 39 7.40 -17.21 -7.59
C PHE B 39 6.58 -18.46 -7.70
N VAL B 40 6.83 -19.41 -6.81
CA VAL B 40 5.99 -20.61 -6.64
C VAL B 40 5.97 -20.95 -5.15
N ASP B 41 4.79 -21.27 -4.65
CA ASP B 41 4.64 -21.93 -3.34
C ASP B 41 3.83 -23.20 -3.61
N ASP B 42 4.46 -24.34 -3.37
CA ASP B 42 3.86 -25.70 -3.45
C ASP B 42 3.31 -26.13 -2.09
N PHE B 43 3.39 -25.30 -1.05
CA PHE B 43 2.87 -25.63 0.30
C PHE B 43 3.47 -26.94 0.78
N ASP B 44 4.75 -27.13 0.45
CA ASP B 44 5.49 -28.41 0.59
C ASP B 44 6.56 -28.30 1.66
N ALA B 45 6.64 -27.16 2.31
CA ALA B 45 7.66 -26.86 3.33
C ALA B 45 7.39 -27.77 4.54
N LYS B 46 8.43 -28.05 5.30
CA LYS B 46 8.41 -28.83 6.56
C LYS B 46 7.91 -27.90 7.68
N CYS B 47 6.66 -27.46 7.56
CA CYS B 47 6.02 -26.42 8.41
C CYS B 47 4.53 -26.73 8.41
N ILE B 48 3.81 -26.45 9.50
CA ILE B 48 2.35 -26.70 9.64
C ILE B 48 1.58 -25.41 9.33
N VAL B 49 2.28 -24.30 9.10
CA VAL B 49 1.65 -23.02 8.61
C VAL B 49 2.34 -22.58 7.35
N PRO B 50 1.67 -21.77 6.49
CA PRO B 50 2.29 -21.24 5.31
C PRO B 50 3.42 -20.28 5.65
N ASP B 51 4.38 -20.19 4.75
CA ASP B 51 5.61 -19.36 4.85
C ASP B 51 5.27 -18.02 5.51
N THR B 52 5.86 -17.75 6.68
CA THR B 52 5.51 -16.58 7.55
C THR B 52 6.12 -15.30 6.99
N ALA B 53 7.12 -15.36 6.12
CA ALA B 53 7.63 -14.14 5.43
C ALA B 53 6.71 -13.75 4.26
N ILE B 54 6.11 -14.71 3.57
CA ILE B 54 5.23 -14.47 2.39
C ILE B 54 3.76 -14.28 2.80
N TRP B 55 3.21 -15.20 3.60
CA TRP B 55 1.75 -15.25 3.84
C TRP B 55 1.42 -14.67 5.21
N LYS B 56 0.48 -13.71 5.24
CA LYS B 56 -0.03 -13.10 6.48
C LYS B 56 -1.50 -13.52 6.64
N LEU B 57 -1.95 -13.69 7.88
CA LEU B 57 -3.36 -14.03 8.21
C LEU B 57 -4.27 -12.84 7.91
N CYS B 58 -5.43 -13.09 7.30
CA CYS B 58 -6.44 -12.05 7.03
C CYS B 58 -7.00 -11.57 8.36
N THR B 59 -7.36 -10.30 8.39
CA THR B 59 -7.80 -9.56 9.59
C THR B 59 -9.24 -9.07 9.38
N TYR B 60 -9.90 -8.73 10.47
CA TYR B 60 -11.31 -8.28 10.50
C TYR B 60 -11.45 -6.99 9.70
N ALA B 61 -12.52 -6.91 8.92
CA ALA B 61 -13.08 -5.63 8.43
C ALA B 61 -14.59 -5.80 8.28
N ASN B 62 -15.35 -4.72 8.37
CA ASN B 62 -16.84 -4.75 8.33
C ASN B 62 -17.29 -4.87 6.87
N ASN B 63 -16.95 -5.96 6.21
CA ASN B 63 -17.44 -6.23 4.82
C ASN B 63 -17.74 -7.72 4.71
N ALA B 64 -18.32 -8.14 3.59
CA ALA B 64 -18.85 -9.50 3.44
C ALA B 64 -17.69 -10.51 3.56
N TRP B 65 -16.56 -10.28 2.90
CA TRP B 65 -15.47 -11.28 2.87
C TRP B 65 -14.69 -11.28 4.19
N SER B 66 -14.75 -10.22 4.99
CA SER B 66 -13.79 -10.04 6.12
C SER B 66 -14.47 -10.12 7.48
N GLN B 67 -15.81 -10.06 7.55
CA GLN B 67 -16.43 -9.81 8.87
C GLN B 67 -16.06 -10.96 9.81
N TYR B 68 -15.95 -12.19 9.33
CA TYR B 68 -15.80 -13.36 10.22
C TYR B 68 -14.32 -13.76 10.37
N PHE B 69 -13.39 -12.83 10.13
CA PHE B 69 -11.98 -12.96 10.60
C PHE B 69 -11.90 -12.45 12.04
N ARG B 70 -12.95 -11.79 12.53
CA ARG B 70 -13.01 -11.31 13.93
C ARG B 70 -12.90 -12.50 14.87
N GLY B 71 -11.97 -12.45 15.82
CA GLY B 71 -11.79 -13.46 16.88
C GLY B 71 -11.23 -14.79 16.37
N VAL B 72 -10.71 -14.85 15.15
CA VAL B 72 -9.98 -16.04 14.67
C VAL B 72 -8.61 -16.02 15.34
N ASP B 73 -8.33 -17.01 16.17
CA ASP B 73 -7.10 -17.08 16.97
C ASP B 73 -5.96 -17.63 16.10
N GLY B 74 -5.04 -16.76 15.69
CA GLY B 74 -3.84 -17.17 14.94
C GLY B 74 -4.20 -18.03 13.73
N TYR B 75 -3.60 -19.21 13.63
CA TYR B 75 -3.73 -20.11 12.49
C TYR B 75 -4.79 -21.17 12.77
N GLU B 76 -5.82 -20.93 13.57
CA GLU B 76 -6.75 -22.04 13.88
C GLU B 76 -7.50 -22.45 12.60
N ASN B 77 -7.66 -21.59 11.59
CA ASN B 77 -8.40 -21.95 10.35
C ASN B 77 -7.46 -22.04 9.13
N VAL B 78 -6.15 -22.04 9.34
CA VAL B 78 -5.12 -22.05 8.24
C VAL B 78 -4.04 -23.07 8.60
N LYS B 79 -3.78 -24.06 7.74
CA LYS B 79 -2.62 -24.96 7.94
C LYS B 79 -2.06 -25.40 6.58
N VAL B 80 -0.82 -25.82 6.59
CA VAL B 80 -0.21 -26.55 5.47
C VAL B 80 -0.18 -28.01 5.92
N GLU B 81 -0.68 -28.92 5.09
CA GLU B 81 -0.76 -30.37 5.42
C GLU B 81 -0.82 -31.15 4.10
N GLU B 82 0.07 -32.11 3.91
CA GLU B 82 0.05 -33.04 2.75
C GLU B 82 0.10 -32.22 1.44
N GLY B 83 0.92 -31.19 1.38
CA GLY B 83 1.19 -30.43 0.17
C GLY B 83 0.03 -29.49 -0.18
N TYR B 84 -0.90 -29.25 0.74
CA TYR B 84 -2.02 -28.29 0.57
C TYR B 84 -1.93 -27.17 1.60
N LEU B 85 -2.21 -25.95 1.16
CA LEU B 85 -2.75 -24.89 2.03
C LEU B 85 -4.25 -25.18 2.24
N LYS B 86 -4.64 -25.38 3.49
CA LYS B 86 -6.02 -25.76 3.89
C LYS B 86 -6.60 -24.58 4.68
N LEU B 87 -7.62 -23.96 4.07
CA LEU B 87 -8.36 -22.80 4.60
C LEU B 87 -9.76 -23.27 5.00
N ARG B 88 -10.08 -23.17 6.29
CA ARG B 88 -11.33 -23.72 6.85
C ARG B 88 -12.29 -22.57 7.17
N ALA B 89 -13.56 -22.79 6.88
CA ALA B 89 -14.68 -21.96 7.39
C ALA B 89 -15.54 -22.84 8.28
N CYS B 90 -15.89 -22.36 9.46
CA CYS B 90 -16.62 -23.16 10.46
C CYS B 90 -17.32 -22.22 11.45
N LYS B 91 -18.10 -22.83 12.34
CA LYS B 91 -18.80 -22.14 13.44
C LYS B 91 -18.23 -22.70 14.74
N ASP B 92 -17.71 -21.80 15.55
CA ASP B 92 -17.13 -22.09 16.88
C ASP B 92 -18.08 -21.47 17.90
N ASN B 93 -19.00 -22.28 18.45
CA ASN B 93 -19.92 -21.91 19.55
C ASN B 93 -20.72 -20.64 19.22
N GLY B 94 -21.39 -20.57 18.06
CA GLY B 94 -22.14 -19.37 17.66
C GLY B 94 -21.28 -18.30 17.00
N THR B 95 -19.95 -18.41 17.00
CA THR B 95 -19.09 -17.48 16.23
C THR B 95 -18.70 -18.12 14.88
N TYR B 96 -19.07 -17.47 13.76
CA TYR B 96 -18.57 -17.85 12.42
C TYR B 96 -17.11 -17.41 12.33
N LYS B 97 -16.28 -18.24 11.69
CA LYS B 97 -14.82 -18.02 11.55
C LYS B 97 -14.37 -18.41 10.15
N ASN B 98 -13.68 -17.49 9.48
CA ASN B 98 -13.15 -17.62 8.11
C ASN B 98 -11.70 -18.09 8.17
N GLY B 99 -11.19 -18.61 7.05
CA GLY B 99 -9.79 -19.03 6.91
C GLY B 99 -9.17 -18.33 5.74
N GLY B 100 -8.08 -17.61 5.94
CA GLY B 100 -7.50 -16.91 4.79
C GLY B 100 -6.16 -16.31 5.05
N VAL B 101 -5.35 -16.21 4.00
CA VAL B 101 -4.05 -15.51 4.07
C VAL B 101 -3.94 -14.57 2.87
N PHE B 102 -3.03 -13.61 2.93
CA PHE B 102 -2.67 -12.76 1.79
C PHE B 102 -1.15 -12.62 1.73
N SER B 103 -0.62 -12.43 0.52
CA SER B 103 0.84 -12.35 0.28
C SER B 103 1.31 -10.97 0.68
N LYS B 104 2.44 -10.91 1.39
CA LYS B 104 3.07 -9.61 1.73
C LYS B 104 3.78 -9.06 0.50
N ILE B 105 4.10 -9.92 -0.46
CA ILE B 105 4.81 -9.50 -1.71
C ILE B 105 3.77 -9.39 -2.82
N GLY B 106 4.05 -8.53 -3.79
CA GLY B 106 3.23 -8.29 -4.99
C GLY B 106 4.07 -8.43 -6.23
N PHE B 107 3.42 -8.44 -7.39
CA PHE B 107 4.05 -8.85 -8.67
C PHE B 107 3.84 -7.78 -9.71
N PRO B 108 4.79 -7.62 -10.64
CA PRO B 108 4.65 -6.65 -11.73
C PRO B 108 3.73 -7.18 -12.82
N CYS B 109 3.41 -6.29 -13.76
CA CYS B 109 2.85 -6.59 -15.09
C CYS B 109 3.85 -7.44 -15.86
N GLY B 110 3.38 -8.08 -16.92
CA GLY B 110 4.13 -9.05 -17.74
C GLY B 110 4.21 -10.38 -17.03
N THR B 111 3.18 -10.76 -16.26
CA THR B 111 3.19 -12.01 -15.45
C THR B 111 1.84 -12.70 -15.55
N ARG B 112 1.80 -13.98 -15.19
CA ARG B 112 0.55 -14.77 -15.09
C ARG B 112 0.52 -15.47 -13.73
N LEU B 113 -0.57 -15.28 -12.99
CA LEU B 113 -0.85 -15.95 -11.70
C LEU B 113 -1.70 -17.18 -12.02
N GLU B 114 -1.27 -18.34 -11.56
CA GLU B 114 -2.00 -19.63 -11.67
C GLU B 114 -2.13 -20.19 -10.26
N VAL B 115 -3.34 -20.63 -9.88
CA VAL B 115 -3.63 -21.15 -8.52
C VAL B 115 -4.44 -22.42 -8.71
N LYS B 116 -3.93 -23.53 -8.21
CA LYS B 116 -4.65 -24.82 -8.24
C LYS B 116 -5.35 -25.02 -6.90
N ALA B 117 -6.66 -25.23 -6.95
CA ALA B 117 -7.51 -25.30 -5.75
C ALA B 117 -8.77 -26.11 -6.00
N ARG B 118 -9.33 -26.61 -4.91
CA ARG B 118 -10.69 -27.19 -4.87
C ARG B 118 -11.35 -26.80 -3.56
N LEU B 119 -12.68 -26.87 -3.52
CA LEU B 119 -13.43 -26.87 -2.26
C LEU B 119 -13.64 -28.33 -1.86
N THR B 120 -13.57 -28.64 -0.57
CA THR B 120 -13.86 -30.01 -0.07
C THR B 120 -15.34 -30.32 -0.29
N LYS B 121 -16.20 -29.30 -0.23
CA LYS B 121 -17.67 -29.39 0.00
C LYS B 121 -18.31 -28.15 -0.64
N LEU B 122 -19.53 -28.23 -1.16
CA LEU B 122 -20.36 -27.03 -1.41
C LEU B 122 -20.97 -26.60 -0.08
N VAL B 123 -20.73 -25.35 0.34
CA VAL B 123 -21.31 -24.81 1.60
C VAL B 123 -22.22 -23.65 1.23
N ARG B 124 -23.52 -23.78 1.54
CA ARG B 124 -24.52 -22.70 1.33
C ARG B 124 -24.19 -21.57 2.32
N GLY B 125 -23.93 -20.38 1.78
CA GLY B 125 -23.37 -19.24 2.51
C GLY B 125 -21.86 -19.18 2.41
N GLY B 126 -21.21 -20.24 1.95
CA GLY B 126 -19.76 -20.23 1.66
C GLY B 126 -19.38 -19.14 0.66
N PHE B 127 -18.16 -18.59 0.78
CA PHE B 127 -17.70 -17.44 -0.04
C PHE B 127 -16.19 -17.53 -0.20
N PRO B 128 -15.71 -18.57 -0.90
CA PRO B 128 -14.28 -18.71 -1.16
C PRO B 128 -13.88 -17.80 -2.31
N ALA B 129 -12.61 -17.40 -2.30
CA ALA B 129 -12.08 -16.52 -3.34
C ALA B 129 -10.59 -16.73 -3.50
N ILE B 130 -10.15 -16.51 -4.72
CA ILE B 130 -8.73 -16.37 -5.13
C ILE B 130 -8.62 -15.05 -5.88
N TRP B 131 -7.82 -14.12 -5.40
CA TRP B 131 -7.92 -12.74 -5.93
C TRP B 131 -6.66 -11.97 -5.60
N GLN B 132 -6.61 -10.73 -6.08
CA GLN B 132 -5.42 -9.88 -6.03
C GLN B 132 -5.84 -8.45 -5.74
N MET B 133 -5.09 -7.81 -4.83
CA MET B 133 -5.20 -6.38 -4.52
C MET B 133 -3.89 -5.73 -4.92
N PRO B 134 -3.93 -4.45 -5.35
CA PRO B 134 -2.71 -3.68 -5.55
C PRO B 134 -2.06 -3.42 -4.17
N ILE B 135 -0.73 -3.39 -4.12
CA ILE B 135 0.03 -2.94 -2.92
C ILE B 135 0.43 -1.49 -3.14
N GLY B 136 0.08 -0.62 -2.20
CA GLY B 136 0.52 0.79 -2.18
C GLY B 136 -0.26 1.63 -3.18
N ALA B 137 -1.53 1.29 -3.42
CA ALA B 137 -2.46 2.04 -4.29
C ALA B 137 -3.23 3.04 -3.46
N PRO B 138 -3.99 3.99 -4.08
CA PRO B 138 -4.87 4.86 -3.32
C PRO B 138 -6.09 4.09 -2.81
N GLU B 139 -7.05 4.74 -2.19
CA GLU B 139 -8.19 4.02 -1.53
C GLU B 139 -8.97 3.23 -2.56
N TRP B 140 -9.37 2.01 -2.17
CA TRP B 140 -10.24 1.08 -2.94
C TRP B 140 -11.43 1.82 -3.52
N PRO B 141 -11.84 1.64 -4.80
CA PRO B 141 -11.17 0.77 -5.79
C PRO B 141 -10.20 1.43 -6.79
N ARG B 142 -9.56 2.53 -6.39
CA ARG B 142 -8.81 3.39 -7.34
C ARG B 142 -7.61 2.63 -7.94
N GLY B 143 -7.04 1.65 -7.24
CA GLY B 143 -5.91 0.85 -7.72
C GLY B 143 -6.34 -0.46 -8.38
N GLY B 144 -7.64 -0.72 -8.40
CA GLY B 144 -8.21 -1.90 -9.03
C GLY B 144 -8.24 -3.06 -8.06
N GLN B 145 -8.81 -4.17 -8.55
CA GLN B 145 -8.93 -5.48 -7.86
C GLN B 145 -9.21 -6.53 -8.93
N ILE B 146 -8.62 -7.71 -8.78
CA ILE B 146 -8.79 -8.82 -9.76
C ILE B 146 -9.24 -10.06 -9.01
N ASP B 147 -10.39 -10.61 -9.38
CA ASP B 147 -10.89 -11.89 -8.80
C ASP B 147 -10.72 -13.03 -9.82
N LEU B 148 -9.84 -13.99 -9.52
CA LEU B 148 -9.61 -15.20 -10.37
C LEU B 148 -10.71 -16.22 -10.14
N MET B 149 -11.30 -16.23 -8.95
CA MET B 149 -12.33 -17.22 -8.59
C MET B 149 -13.10 -16.66 -7.41
N GLU B 150 -14.42 -16.65 -7.53
CA GLU B 150 -15.34 -16.48 -6.38
C GLU B 150 -16.48 -17.47 -6.62
N TRP B 151 -17.01 -18.04 -5.55
CA TRP B 151 -18.14 -19.01 -5.61
C TRP B 151 -19.23 -18.51 -4.65
N VAL B 152 -20.50 -18.61 -5.06
CA VAL B 152 -21.69 -18.35 -4.21
C VAL B 152 -22.75 -19.40 -4.50
N GLN B 153 -23.60 -19.70 -3.52
CA GLN B 153 -24.67 -20.72 -3.63
C GLN B 153 -25.65 -20.35 -4.76
N GLY B 154 -25.86 -19.05 -5.04
CA GLY B 154 -26.91 -18.58 -5.96
C GLY B 154 -26.67 -19.04 -7.39
N SER B 155 -25.44 -19.47 -7.70
CA SER B 155 -25.04 -20.05 -9.01
C SER B 155 -24.01 -21.16 -8.75
N PRO B 156 -24.45 -22.33 -8.23
CA PRO B 156 -23.56 -23.23 -7.50
C PRO B 156 -22.68 -24.06 -8.43
N LYS B 157 -22.96 -24.02 -9.73
CA LYS B 157 -22.30 -24.85 -10.77
C LYS B 157 -21.44 -23.94 -11.66
N GLN B 158 -21.06 -22.77 -11.15
CA GLN B 158 -20.11 -21.87 -11.84
C GLN B 158 -19.14 -21.25 -10.83
N ILE B 159 -18.08 -20.63 -11.33
CA ILE B 159 -17.36 -19.60 -10.54
C ILE B 159 -17.40 -18.28 -11.31
N PHE B 160 -17.08 -17.20 -10.62
CA PHE B 160 -17.10 -15.83 -11.17
C PHE B 160 -15.65 -15.36 -11.25
N GLN B 161 -15.37 -14.64 -12.31
CA GLN B 161 -14.08 -13.95 -12.54
C GLN B 161 -14.43 -12.50 -12.81
N THR B 162 -13.83 -11.60 -12.04
CA THR B 162 -14.31 -10.23 -11.91
C THR B 162 -13.16 -9.24 -11.85
N VAL B 163 -13.42 -8.05 -12.35
CA VAL B 163 -12.49 -6.88 -12.27
C VAL B 163 -13.24 -5.74 -11.59
N HIS B 164 -12.54 -4.94 -10.78
CA HIS B 164 -13.04 -3.70 -10.15
C HIS B 164 -12.03 -2.58 -10.41
N THR B 165 -12.55 -1.40 -10.71
CA THR B 165 -11.79 -0.14 -10.91
C THR B 165 -12.69 1.01 -10.44
N PHE B 166 -12.11 2.19 -10.24
CA PHE B 166 -12.91 3.40 -9.97
C PHE B 166 -13.76 3.74 -11.21
N TYR B 167 -13.25 3.47 -12.41
CA TYR B 167 -13.96 3.79 -13.68
C TYR B 167 -15.25 2.97 -13.76
N ILE B 168 -15.22 1.70 -13.36
CA ILE B 168 -16.40 0.80 -13.28
C ILE B 168 -17.24 1.13 -12.05
N ASN B 169 -16.69 1.08 -10.84
CA ASN B 169 -17.49 1.02 -9.58
C ASN B 169 -17.80 2.43 -9.08
N GLY B 170 -17.05 3.45 -9.52
CA GLY B 170 -17.10 4.81 -8.93
C GLY B 170 -16.86 4.78 -7.42
N GLU B 171 -17.52 5.70 -6.72
CA GLU B 171 -17.38 5.97 -5.25
C GLU B 171 -17.89 4.79 -4.41
N ASN B 172 -19.00 4.19 -4.85
CA ASN B 172 -19.90 3.33 -4.03
C ASN B 172 -20.11 1.94 -4.63
N GLY B 173 -20.03 1.77 -5.95
CA GLY B 173 -20.30 0.49 -6.62
C GLY B 173 -19.46 -0.62 -6.04
N SER B 174 -19.94 -1.86 -6.11
CA SER B 174 -19.23 -3.08 -5.62
C SER B 174 -19.37 -4.28 -6.59
N ALA B 175 -20.13 -4.15 -7.68
CA ALA B 175 -20.41 -5.29 -8.60
C ALA B 175 -19.19 -5.53 -9.50
N GLY B 176 -18.46 -4.48 -9.89
CA GLY B 176 -17.37 -4.59 -10.87
C GLY B 176 -17.89 -5.05 -12.23
N VAL B 177 -17.02 -5.59 -13.07
CA VAL B 177 -17.39 -6.26 -14.36
C VAL B 177 -17.01 -7.74 -14.24
N THR B 178 -17.97 -8.64 -14.42
CA THR B 178 -17.80 -10.10 -14.23
C THR B 178 -18.01 -10.80 -15.57
N ASN B 179 -17.53 -12.03 -15.70
CA ASN B 179 -17.69 -12.79 -16.95
C ASN B 179 -19.11 -13.39 -16.98
N LYS B 180 -20.04 -12.75 -17.71
CA LYS B 180 -21.46 -13.19 -17.87
C LYS B 180 -21.51 -14.53 -18.63
N GLU B 181 -20.49 -14.80 -19.48
CA GLU B 181 -20.25 -16.04 -20.30
C GLU B 181 -19.63 -17.17 -19.45
N ALA B 182 -19.56 -17.04 -18.13
CA ALA B 182 -18.89 -18.02 -17.26
C ALA B 182 -19.48 -19.41 -17.54
N ASP B 183 -18.65 -20.45 -17.58
CA ASP B 183 -19.10 -21.88 -17.66
C ASP B 183 -20.12 -22.12 -16.54
N LYS B 184 -21.33 -22.61 -16.87
CA LYS B 184 -22.42 -22.96 -15.91
C LYS B 184 -22.53 -24.48 -15.70
N ASN B 185 -21.56 -25.28 -16.16
CA ASN B 185 -21.50 -26.76 -15.96
C ASN B 185 -20.16 -27.14 -15.32
N PHE B 186 -19.88 -26.63 -14.13
CA PHE B 186 -18.53 -26.60 -13.50
C PHE B 186 -18.60 -27.11 -12.05
N ASP B 187 -17.69 -28.02 -11.68
CA ASP B 187 -17.61 -28.62 -10.31
C ASP B 187 -16.39 -28.09 -9.55
N VAL B 188 -16.66 -27.15 -8.65
CA VAL B 188 -15.65 -26.41 -7.86
C VAL B 188 -15.03 -27.35 -6.80
N THR B 189 -15.60 -28.52 -6.55
CA THR B 189 -15.10 -29.47 -5.52
C THR B 189 -14.03 -30.38 -6.15
N LYS B 190 -13.77 -30.22 -7.44
CA LYS B 190 -12.62 -30.83 -8.13
C LYS B 190 -11.50 -29.81 -8.26
N ASP B 191 -10.26 -30.28 -8.36
CA ASP B 191 -9.07 -29.43 -8.64
C ASP B 191 -9.29 -28.64 -9.93
N HIS B 192 -8.96 -27.36 -9.95
CA HIS B 192 -8.94 -26.53 -11.18
C HIS B 192 -7.81 -25.54 -11.03
N VAL B 193 -7.23 -25.11 -12.15
CA VAL B 193 -6.21 -24.04 -12.17
C VAL B 193 -6.93 -22.76 -12.63
N TYR B 194 -7.01 -21.80 -11.72
CA TYR B 194 -7.54 -20.45 -11.94
C TYR B 194 -6.35 -19.54 -12.26
N ALA B 195 -6.48 -18.71 -13.29
CA ALA B 195 -5.34 -17.90 -13.75
C ALA B 195 -5.80 -16.55 -14.33
N VAL B 196 -4.89 -15.57 -14.21
CA VAL B 196 -5.01 -14.26 -14.89
C VAL B 196 -3.61 -13.85 -15.36
N GLN B 197 -3.53 -13.47 -16.63
CA GLN B 197 -2.35 -12.90 -17.26
C GLN B 197 -2.55 -11.39 -17.33
N ARG B 198 -1.60 -10.64 -16.76
CA ARG B 198 -1.68 -9.17 -16.55
C ARG B 198 -0.55 -8.50 -17.34
N THR B 199 -0.91 -7.72 -18.36
CA THR B 199 0.02 -6.90 -19.18
C THR B 199 -0.51 -5.47 -19.25
N GLU B 200 0.33 -4.54 -19.71
CA GLU B 200 -0.08 -3.12 -19.94
C GLU B 200 -1.36 -3.10 -20.80
N LYS B 201 -1.54 -4.11 -21.67
CA LYS B 201 -2.60 -4.12 -22.71
C LYS B 201 -3.92 -4.65 -22.14
N GLU B 202 -3.87 -5.68 -21.31
CA GLU B 202 -5.09 -6.42 -20.90
C GLU B 202 -4.84 -7.38 -19.74
N LEU B 203 -5.94 -7.81 -19.12
CA LEU B 203 -6.03 -8.99 -18.25
C LEU B 203 -6.66 -10.11 -19.06
N ILE B 204 -6.02 -11.27 -19.09
CA ILE B 204 -6.64 -12.48 -19.71
C ILE B 204 -6.88 -13.48 -18.60
N PHE B 205 -8.16 -13.88 -18.43
CA PHE B 205 -8.61 -14.92 -17.49
C PHE B 205 -8.61 -16.31 -18.14
N TYR B 206 -8.25 -17.29 -17.32
CA TYR B 206 -8.29 -18.71 -17.73
C TYR B 206 -8.88 -19.53 -16.60
N VAL B 207 -9.47 -20.64 -17.01
CA VAL B 207 -9.75 -21.79 -16.12
C VAL B 207 -9.21 -23.03 -16.83
N ASP B 208 -8.36 -23.78 -16.15
CA ASP B 208 -7.83 -25.07 -16.62
C ASP B 208 -7.09 -24.84 -17.94
N GLY B 209 -6.32 -23.75 -18.02
CA GLY B 209 -5.50 -23.46 -19.21
C GLY B 209 -6.33 -22.98 -20.38
N LYS B 210 -7.64 -22.74 -20.23
CA LYS B 210 -8.53 -22.27 -21.35
C LYS B 210 -8.97 -20.83 -21.09
N GLU B 211 -8.70 -19.94 -22.03
CA GLU B 211 -9.15 -18.52 -21.95
C GLU B 211 -10.66 -18.47 -21.68
N THR B 212 -11.10 -17.68 -20.70
CA THR B 212 -12.53 -17.46 -20.40
C THR B 212 -12.94 -16.06 -20.85
N TRP B 213 -12.18 -15.01 -20.51
CA TRP B 213 -12.49 -13.63 -21.01
C TRP B 213 -11.29 -12.72 -20.81
N LYS B 214 -11.40 -11.52 -21.36
CA LYS B 214 -10.35 -10.47 -21.35
C LYS B 214 -10.96 -9.18 -20.82
N TYR B 215 -10.23 -8.46 -19.97
CA TYR B 215 -10.57 -7.09 -19.58
C TYR B 215 -9.46 -6.20 -20.15
N GLU B 216 -9.83 -5.29 -21.07
CA GLU B 216 -8.84 -4.61 -21.94
C GLU B 216 -8.58 -3.16 -21.50
N ASN B 217 -7.34 -2.72 -21.70
CA ASN B 217 -6.96 -1.31 -21.51
C ASN B 217 -7.62 -0.49 -22.64
N GLN B 218 -8.43 0.51 -22.30
CA GLN B 218 -9.11 1.38 -23.30
C GLN B 218 -8.22 2.57 -23.63
N HIS B 219 -7.08 2.73 -22.96
CA HIS B 219 -6.08 3.80 -23.21
C HIS B 219 -6.76 5.16 -23.06
N LEU B 220 -7.67 5.31 -22.10
CA LEU B 220 -8.25 6.65 -21.80
C LEU B 220 -7.16 7.48 -21.09
N ASP B 221 -7.39 8.77 -20.88
CA ASP B 221 -6.51 9.59 -20.02
C ASP B 221 -6.40 8.87 -18.68
N LYS B 222 -5.20 8.90 -18.08
CA LYS B 222 -4.89 8.17 -16.83
C LYS B 222 -5.83 8.65 -15.71
N GLU B 223 -6.28 9.90 -15.74
CA GLU B 223 -7.17 10.45 -14.69
C GLU B 223 -8.51 9.70 -14.63
N LYS B 224 -8.94 8.98 -15.67
CA LYS B 224 -10.23 8.23 -15.69
C LYS B 224 -10.10 6.92 -14.90
N LEU B 225 -8.88 6.50 -14.57
CA LEU B 225 -8.59 5.33 -13.69
C LEU B 225 -9.25 4.04 -14.21
N GLN B 226 -9.26 3.86 -15.53
CA GLN B 226 -9.91 2.72 -16.20
C GLN B 226 -9.02 1.46 -16.10
N TYR B 227 -7.70 1.63 -16.19
CA TYR B 227 -6.76 0.49 -16.22
C TYR B 227 -5.60 0.76 -15.28
N PRO B 228 -5.80 0.59 -13.96
CA PRO B 228 -4.70 0.78 -12.99
C PRO B 228 -3.71 -0.39 -12.81
N PHE B 229 -3.89 -1.48 -13.55
CA PHE B 229 -3.40 -2.83 -13.17
C PHE B 229 -1.88 -2.94 -13.32
N CYS B 230 -1.22 -2.03 -14.04
CA CYS B 230 0.25 -2.03 -14.17
C CYS B 230 0.89 -0.89 -13.40
N GLU B 231 0.14 -0.16 -12.58
CA GLU B 231 0.73 0.95 -11.81
C GLU B 231 1.14 0.49 -10.41
N TYR B 232 0.67 -0.68 -9.96
CA TYR B 232 0.97 -1.20 -8.62
C TYR B 232 1.37 -2.65 -8.76
N PRO B 233 2.26 -3.18 -7.89
CA PRO B 233 2.36 -4.62 -7.69
C PRO B 233 1.00 -5.14 -7.19
N PHE B 234 0.62 -6.34 -7.59
CA PHE B 234 -0.60 -7.02 -7.09
C PHE B 234 -0.19 -8.25 -6.28
N ASN B 235 -0.87 -8.45 -5.15
CA ASN B 235 -0.62 -9.56 -4.19
C ASN B 235 -1.55 -10.72 -4.55
N ILE B 236 -1.53 -11.76 -3.72
CA ILE B 236 -2.36 -12.99 -3.86
C ILE B 236 -3.13 -13.12 -2.56
N ILE B 237 -4.45 -13.28 -2.70
CA ILE B 237 -5.37 -13.45 -1.54
C ILE B 237 -6.12 -14.77 -1.73
N LEU B 238 -6.05 -15.65 -0.74
CA LEU B 238 -6.67 -16.99 -0.71
C LEU B 238 -7.55 -17.04 0.53
N ASN B 239 -8.85 -17.22 0.36
CA ASN B 239 -9.70 -17.24 1.56
C ASN B 239 -10.94 -18.08 1.34
N PHE B 240 -11.43 -18.66 2.43
CA PHE B 240 -12.77 -19.29 2.48
C PHE B 240 -13.55 -18.55 3.56
N SER B 241 -14.45 -17.66 3.13
CA SER B 241 -15.20 -16.76 4.02
C SER B 241 -16.65 -17.22 4.08
N LEU B 242 -17.40 -16.68 5.05
CA LEU B 242 -18.84 -16.97 5.23
C LEU B 242 -19.64 -15.68 5.06
N GLY B 243 -20.82 -15.80 4.45
CA GLY B 243 -21.67 -14.67 4.01
C GLY B 243 -22.71 -14.36 5.09
N GLY B 244 -23.97 -14.72 4.84
CA GLY B 244 -25.14 -14.34 5.68
C GLY B 244 -25.39 -12.85 5.59
N GLU B 245 -26.04 -12.26 6.59
CA GLU B 245 -26.29 -10.81 6.63
C GLU B 245 -25.04 -10.03 7.03
N LEU B 246 -24.84 -8.86 6.45
CA LEU B 246 -23.85 -7.83 6.88
C LEU B 246 -24.64 -6.61 7.37
N ASN B 247 -24.74 -6.47 8.71
CA ASN B 247 -25.54 -5.39 9.36
C ASN B 247 -26.93 -5.44 8.73
N GLY B 248 -27.62 -6.57 8.89
CA GLY B 248 -29.04 -6.77 8.51
C GLY B 248 -29.30 -6.68 7.02
N MET B 249 -28.26 -6.71 6.17
CA MET B 249 -28.39 -6.66 4.68
C MET B 249 -27.81 -7.95 4.09
N MET B 250 -28.56 -8.63 3.21
CA MET B 250 -28.10 -9.92 2.64
C MET B 250 -26.85 -9.67 1.79
N THR B 251 -25.85 -10.53 1.90
CA THR B 251 -24.61 -10.45 1.09
C THR B 251 -24.83 -11.26 -0.19
N TRP B 252 -23.98 -11.04 -1.19
CA TRP B 252 -23.93 -11.84 -2.43
C TRP B 252 -23.90 -13.34 -2.11
N PRO B 253 -22.98 -13.88 -1.28
CA PRO B 253 -22.98 -15.31 -0.95
C PRO B 253 -24.26 -15.81 -0.29
N GLY B 254 -25.03 -14.91 0.32
CA GLY B 254 -26.37 -15.21 0.86
C GLY B 254 -26.34 -15.99 2.17
N GLU B 255 -27.41 -16.74 2.45
CA GLU B 255 -27.75 -17.28 3.78
C GLU B 255 -26.87 -18.49 4.12
N ILE B 256 -26.31 -18.48 5.33
CA ILE B 256 -25.44 -19.56 5.89
C ILE B 256 -26.35 -20.66 6.42
N HIS B 257 -26.21 -21.88 5.89
CA HIS B 257 -26.80 -23.12 6.43
C HIS B 257 -25.74 -23.80 7.29
N ASP B 258 -25.87 -23.70 8.62
CA ASP B 258 -24.88 -24.23 9.59
C ASP B 258 -24.65 -25.72 9.37
N GLU B 259 -25.67 -26.49 8.95
CA GLU B 259 -25.57 -27.96 8.77
C GLU B 259 -24.51 -28.27 7.70
N ASP B 260 -24.26 -27.37 6.74
CA ASP B 260 -23.20 -27.57 5.70
C ASP B 260 -21.77 -27.42 6.25
N LEU B 261 -21.55 -26.78 7.41
CA LEU B 261 -20.16 -26.52 7.92
C LEU B 261 -19.63 -27.77 8.61
N PRO B 262 -18.30 -27.94 8.78
CA PRO B 262 -17.29 -27.02 8.24
C PRO B 262 -17.07 -27.19 6.73
N GLY B 263 -16.40 -26.22 6.11
CA GLY B 263 -15.94 -26.35 4.71
C GLY B 263 -14.48 -25.92 4.60
N GLU B 264 -13.78 -26.41 3.58
CA GLU B 264 -12.36 -26.04 3.34
C GLU B 264 -12.11 -25.76 1.86
N MET B 265 -11.15 -24.87 1.61
CA MET B 265 -10.52 -24.72 0.29
C MET B 265 -9.09 -25.24 0.41
N TRP B 266 -8.72 -26.18 -0.44
CA TRP B 266 -7.38 -26.79 -0.49
C TRP B 266 -6.66 -26.20 -1.70
N VAL B 267 -5.61 -25.44 -1.46
CA VAL B 267 -4.75 -24.89 -2.53
C VAL B 267 -3.49 -25.75 -2.63
N ASP B 268 -3.35 -26.45 -3.76
CA ASP B 268 -2.17 -27.27 -4.06
C ASP B 268 -0.97 -26.34 -4.32
N TRP B 269 -1.13 -25.24 -5.04
CA TRP B 269 0.02 -24.35 -5.33
C TRP B 269 -0.46 -23.02 -5.89
N VAL B 270 0.42 -22.02 -5.81
CA VAL B 270 0.31 -20.72 -6.50
C VAL B 270 1.63 -20.54 -7.26
N ARG B 271 1.55 -20.03 -8.46
CA ARG B 271 2.78 -19.64 -9.17
C ARG B 271 2.54 -18.41 -10.02
N VAL B 272 3.60 -17.61 -10.13
CA VAL B 272 3.62 -16.39 -10.96
C VAL B 272 4.68 -16.66 -12.01
N VAL B 273 4.25 -16.66 -13.28
CA VAL B 273 5.12 -16.88 -14.46
C VAL B 273 5.50 -15.52 -15.02
N LEU B 274 6.75 -15.34 -15.42
CA LEU B 274 7.20 -14.14 -16.15
C LEU B 274 7.03 -14.46 -17.65
N LEU B 275 6.24 -13.67 -18.36
CA LEU B 275 6.00 -13.80 -19.82
C LEU B 275 7.31 -13.45 -20.55
N ASP B 276 7.61 -14.07 -21.68
CA ASP B 276 8.86 -13.76 -22.41
C ASP B 276 8.49 -13.18 -23.78
#